data_1UDH
#
_entry.id   1UDH
#
_cell.length_a   65.140
_cell.length_b   65.140
_cell.length_c   49.160
_cell.angle_alpha   90.00
_cell.angle_beta   90.00
_cell.angle_gamma   120.00
#
_symmetry.space_group_name_H-M   'P 31'
#
loop_
_entity.id
_entity.type
_entity.pdbx_description
1 polymer 'URACIL-DNA GLYCOSYLASE'
2 non-polymer 'SULFATE ION'
3 non-polymer URACIL
4 water water
#
_entity_poly.entity_id   1
_entity_poly.type   'polypeptide(L)'
_entity_poly.pdbx_seq_one_letter_code
;MDLTNGGVSPAATSAPLDWTTFRRVFLIDDAWRPLMEPELANPLTAHLLAEYNRRCQTEEVLPPREDVFSWTRYCTPDEV
RVVIIGQDPYHHPGQAHGLAFSVRANVPPPPSLRNVLAAVKNCYPEARMSGHGCLEKWARDGVLLLNTTLTVKRGAAASH
SRIGWDRFVGGVIRRLAARRPGLVFMLWGTHAQNAIRPDPRVHCVLKFSHPSPLSKVPFGTCQHFLVANRYLETRSISPI
DWSV
;
_entity_poly.pdbx_strand_id   A
#
# COMPACT_ATOMS: atom_id res chain seq x y z
N LEU A 17 -11.30 -4.59 26.40
CA LEU A 17 -10.95 -3.47 25.45
C LEU A 17 -9.73 -3.75 24.49
N ASP A 18 -9.87 -4.78 23.66
CA ASP A 18 -8.84 -5.16 22.69
C ASP A 18 -8.73 -4.18 21.52
N TRP A 19 -9.81 -4.00 20.74
CA TRP A 19 -9.80 -3.02 19.63
C TRP A 19 -9.45 -1.63 20.11
N THR A 20 -10.04 -1.22 21.23
CA THR A 20 -9.76 0.09 21.77
C THR A 20 -8.26 0.31 22.07
N THR A 21 -7.66 -0.71 22.64
CA THR A 21 -6.24 -0.65 23.01
C THR A 21 -5.34 -0.73 21.80
N PHE A 22 -5.68 -1.60 20.86
CA PHE A 22 -4.92 -1.77 19.61
C PHE A 22 -4.95 -0.47 18.81
N ARG A 23 -6.15 0.09 18.68
CA ARG A 23 -6.32 1.32 17.94
C ARG A 23 -5.52 2.47 18.60
N ARG A 24 -5.47 2.49 19.92
CA ARG A 24 -4.74 3.54 20.64
C ARG A 24 -3.24 3.46 20.44
N VAL A 25 -2.71 2.24 20.45
CA VAL A 25 -1.27 2.07 20.27
C VAL A 25 -0.78 2.56 18.90
N PHE A 26 -1.56 2.23 17.87
CA PHE A 26 -1.20 2.57 16.49
C PHE A 26 -1.91 3.78 15.90
N LEU A 27 -2.81 4.42 16.64
CA LEU A 27 -3.58 5.56 16.15
C LEU A 27 -4.31 5.20 14.82
N ILE A 28 -5.02 4.09 14.85
CA ILE A 28 -5.75 3.60 13.70
C ILE A 28 -7.08 4.31 13.60
N ASP A 29 -7.49 4.69 12.40
CA ASP A 29 -8.79 5.31 12.22
C ASP A 29 -9.90 4.26 12.43
N ASP A 30 -10.91 4.64 13.21
CA ASP A 30 -12.01 3.76 13.51
C ASP A 30 -12.79 3.22 12.36
N ALA A 31 -12.80 3.96 11.24
CA ALA A 31 -13.50 3.48 10.03
C ALA A 31 -13.04 2.09 9.56
N TRP A 32 -11.83 1.67 9.96
CA TRP A 32 -11.29 0.39 9.54
C TRP A 32 -11.58 -0.77 10.50
N ARG A 33 -12.24 -0.46 11.61
CA ARG A 33 -12.57 -1.48 12.61
C ARG A 33 -13.23 -2.75 12.07
N PRO A 34 -14.29 -2.63 11.25
CA PRO A 34 -14.90 -3.86 10.76
C PRO A 34 -14.01 -4.79 9.93
N LEU A 35 -12.99 -4.23 9.29
CA LEU A 35 -12.06 -5.01 8.47
C LEU A 35 -10.87 -5.60 9.26
N MET A 36 -10.48 -4.90 10.33
CA MET A 36 -9.33 -5.30 11.13
C MET A 36 -9.63 -6.02 12.42
N GLU A 37 -10.72 -5.63 13.11
CA GLU A 37 -11.07 -6.27 14.38
C GLU A 37 -11.10 -7.80 14.32
N PRO A 38 -11.73 -8.38 13.29
CA PRO A 38 -11.76 -9.84 13.21
C PRO A 38 -10.34 -10.45 13.17
N GLU A 39 -9.38 -9.75 12.61
CA GLU A 39 -8.02 -10.28 12.56
C GLU A 39 -7.34 -10.30 13.95
N LEU A 40 -7.69 -9.35 14.81
CA LEU A 40 -7.10 -9.30 16.13
C LEU A 40 -7.27 -10.56 16.95
N ALA A 41 -8.43 -11.21 16.82
CA ALA A 41 -8.76 -12.41 17.58
C ALA A 41 -8.04 -13.70 17.18
N ASN A 42 -7.51 -13.72 15.98
CA ASN A 42 -6.76 -14.85 15.47
C ASN A 42 -5.47 -15.01 16.34
N PRO A 43 -5.22 -16.22 16.90
CA PRO A 43 -4.02 -16.48 17.72
C PRO A 43 -2.74 -16.13 16.97
N LEU A 44 -2.74 -16.28 15.65
CA LEU A 44 -1.55 -15.95 14.87
C LEU A 44 -1.19 -14.49 14.98
N THR A 45 -2.20 -13.63 15.16
CA THR A 45 -1.98 -12.21 15.27
C THR A 45 -1.20 -11.86 16.54
N ALA A 46 -1.49 -12.59 17.62
CA ALA A 46 -0.83 -12.34 18.89
C ALA A 46 0.67 -12.61 18.75
N HIS A 47 1.04 -13.64 17.98
CA HIS A 47 2.45 -13.97 17.78
C HIS A 47 3.07 -12.84 17.00
N LEU A 48 2.37 -12.38 15.96
CA LEU A 48 2.88 -11.26 15.15
C LEU A 48 3.17 -10.03 16.00
N LEU A 49 2.17 -9.55 16.74
CA LEU A 49 2.32 -8.35 17.57
C LEU A 49 3.47 -8.41 18.62
N ALA A 50 3.61 -9.57 19.26
CA ALA A 50 4.63 -9.81 20.27
C ALA A 50 6.00 -9.77 19.61
N GLU A 51 6.12 -10.35 18.40
CA GLU A 51 7.38 -10.35 17.65
C GLU A 51 7.78 -8.94 17.20
N TYR A 52 6.80 -8.17 16.75
CA TYR A 52 7.01 -6.80 16.35
C TYR A 52 7.51 -6.03 17.56
N ASN A 53 6.85 -6.16 18.70
CA ASN A 53 7.29 -5.47 19.92
C ASN A 53 8.72 -5.97 20.41
N ARG A 54 9.05 -7.23 20.17
CA ARG A 54 10.34 -7.79 20.51
C ARG A 54 11.39 -7.11 19.61
N ARG A 55 11.10 -7.01 18.30
CA ARG A 55 12.01 -6.33 17.36
C ARG A 55 12.26 -4.90 17.78
N CYS A 56 11.22 -4.20 18.19
CA CYS A 56 11.38 -2.82 18.63
C CYS A 56 12.29 -2.69 19.89
N GLN A 57 12.37 -3.75 20.69
CA GLN A 57 13.19 -3.78 21.93
C GLN A 57 14.68 -4.05 21.54
N THR A 58 14.86 -4.68 20.39
CA THR A 58 16.20 -5.03 19.97
C THR A 58 16.80 -4.35 18.72
N GLU A 59 16.07 -3.47 18.05
CA GLU A 59 16.61 -2.81 16.86
C GLU A 59 15.91 -1.53 16.50
N GLU A 60 16.43 -0.83 15.51
CA GLU A 60 15.81 0.39 15.01
C GLU A 60 14.83 -0.10 13.93
N VAL A 61 13.54 0.04 14.26
CA VAL A 61 12.45 -0.40 13.40
C VAL A 61 11.76 0.81 12.73
N LEU A 62 11.59 0.69 11.42
CA LEU A 62 10.98 1.74 10.60
C LEU A 62 9.71 1.19 9.90
N PRO A 63 8.70 2.03 9.71
CA PRO A 63 8.68 3.44 10.12
C PRO A 63 8.32 3.51 11.62
N PRO A 64 8.30 4.73 12.21
CA PRO A 64 7.95 4.90 13.62
C PRO A 64 6.57 4.28 13.85
N ARG A 65 6.30 3.84 15.07
CA ARG A 65 5.05 3.17 15.40
C ARG A 65 3.77 3.94 15.01
N GLU A 66 3.78 5.26 15.21
CA GLU A 66 2.64 6.13 14.91
C GLU A 66 2.34 6.24 13.41
N ASP A 67 3.28 5.75 12.58
CA ASP A 67 3.13 5.77 11.13
C ASP A 67 2.89 4.43 10.48
N VAL A 68 3.08 3.32 11.22
CA VAL A 68 2.91 1.99 10.66
C VAL A 68 1.54 1.77 9.98
N PHE A 69 0.49 2.35 10.58
CA PHE A 69 -0.88 2.23 10.07
C PHE A 69 -1.42 3.56 9.57
N SER A 70 -0.55 4.40 9.05
CA SER A 70 -0.96 5.72 8.53
C SER A 70 -1.93 5.58 7.32
N TRP A 71 -1.83 4.47 6.61
CA TRP A 71 -2.70 4.18 5.49
C TRP A 71 -4.19 4.06 5.89
N THR A 72 -4.47 3.85 7.17
CA THR A 72 -5.87 3.77 7.59
C THR A 72 -6.42 5.17 7.77
N ARG A 73 -5.55 6.17 7.88
CA ARG A 73 -6.02 7.51 8.15
C ARG A 73 -6.43 8.36 6.99
N TYR A 74 -5.88 8.14 5.81
CA TYR A 74 -6.20 8.98 4.67
C TYR A 74 -7.55 8.81 4.02
N CYS A 75 -8.12 7.60 4.08
CA CYS A 75 -9.42 7.34 3.48
C CYS A 75 -10.03 6.18 4.21
N THR A 76 -11.36 6.07 4.14
CA THR A 76 -12.10 4.96 4.78
C THR A 76 -12.22 3.79 3.77
N PRO A 77 -12.60 2.57 4.24
CA PRO A 77 -12.73 1.45 3.30
C PRO A 77 -13.69 1.78 2.12
N ASP A 78 -14.73 2.54 2.40
CA ASP A 78 -15.71 2.87 1.37
C ASP A 78 -15.25 3.85 0.31
N GLU A 79 -14.15 4.56 0.56
CA GLU A 79 -13.58 5.50 -0.40
C GLU A 79 -12.55 4.81 -1.32
N VAL A 80 -12.12 3.58 -0.98
CA VAL A 80 -11.10 2.89 -1.77
C VAL A 80 -11.56 2.56 -3.22
N ARG A 81 -10.78 2.99 -4.22
CA ARG A 81 -11.07 2.71 -5.64
C ARG A 81 -9.99 1.81 -6.28
N VAL A 82 -8.74 2.00 -5.86
CA VAL A 82 -7.61 1.26 -6.42
C VAL A 82 -6.71 0.78 -5.29
N VAL A 83 -6.17 -0.43 -5.43
CA VAL A 83 -5.26 -0.98 -4.43
C VAL A 83 -3.94 -1.26 -5.16
N ILE A 84 -2.85 -0.70 -4.63
CA ILE A 84 -1.51 -0.91 -5.19
C ILE A 84 -0.71 -1.64 -4.10
N ILE A 85 -0.22 -2.83 -4.43
CA ILE A 85 0.54 -3.68 -3.49
C ILE A 85 2.04 -3.51 -3.55
N GLY A 86 2.68 -3.43 -2.38
CA GLY A 86 4.13 -3.32 -2.28
C GLY A 86 4.69 -4.46 -1.40
N GLN A 87 6.01 -4.53 -1.25
CA GLN A 87 6.67 -5.55 -0.42
C GLN A 87 6.90 -5.01 1.00
N ASP A 88 7.99 -4.27 1.26
CA ASP A 88 8.18 -3.74 2.61
C ASP A 88 8.59 -2.28 2.55
N PRO A 89 8.58 -1.56 3.70
CA PRO A 89 8.94 -0.13 3.69
C PRO A 89 10.39 0.19 3.32
N TYR A 90 10.64 1.44 2.92
CA TYR A 90 12.00 1.92 2.66
C TYR A 90 12.74 1.70 4.00
N HIS A 91 14.02 1.37 3.92
CA HIS A 91 14.73 1.07 5.16
C HIS A 91 15.78 2.05 5.65
N HIS A 92 15.74 3.30 5.15
CA HIS A 92 16.67 4.28 5.64
C HIS A 92 15.85 5.26 6.38
N PRO A 93 16.40 5.82 7.44
CA PRO A 93 15.70 6.80 8.26
C PRO A 93 15.09 7.96 7.44
N GLY A 94 13.89 8.39 7.82
CA GLY A 94 13.23 9.51 7.16
C GLY A 94 12.46 9.26 5.87
N GLN A 95 12.56 8.07 5.30
CA GLN A 95 11.88 7.84 4.04
C GLN A 95 10.43 7.34 4.16
N ALA A 96 10.26 6.20 4.83
CA ALA A 96 8.94 5.58 4.99
C ALA A 96 8.01 6.33 5.95
N HIS A 97 6.72 6.31 5.64
CA HIS A 97 5.74 6.95 6.51
C HIS A 97 4.38 6.22 6.53
N GLY A 98 4.40 4.94 6.16
CA GLY A 98 3.20 4.10 6.23
C GLY A 98 2.42 3.82 4.95
N LEU A 99 2.77 4.53 3.88
CA LEU A 99 2.16 4.38 2.57
C LEU A 99 3.20 3.70 1.64
N ALA A 100 2.82 2.65 0.91
CA ALA A 100 3.76 2.00 -0.01
C ALA A 100 4.28 3.03 -1.06
N PHE A 101 5.59 3.00 -1.28
CA PHE A 101 6.31 3.82 -2.26
C PHE A 101 6.45 5.33 -1.96
N SER A 102 5.55 5.91 -1.19
CA SER A 102 5.59 7.33 -0.90
C SER A 102 6.76 7.78 0.02
N VAL A 103 7.33 8.94 -0.26
CA VAL A 103 8.35 9.49 0.63
C VAL A 103 7.83 10.86 1.06
N ARG A 104 8.24 11.32 2.24
CA ARG A 104 7.82 12.63 2.74
C ARG A 104 8.23 13.74 1.71
N ALA A 105 7.51 14.85 1.70
CA ALA A 105 7.68 15.93 0.72
C ALA A 105 9.03 16.46 0.19
N ASN A 106 10.07 16.46 1.03
CA ASN A 106 11.38 16.95 0.56
C ASN A 106 12.45 15.86 0.46
N VAL A 107 12.02 14.62 0.34
CA VAL A 107 12.95 13.52 0.17
C VAL A 107 12.91 13.22 -1.33
N PRO A 108 14.07 13.17 -2.01
CA PRO A 108 14.04 12.89 -3.45
C PRO A 108 13.48 11.51 -3.77
N PRO A 109 12.61 11.44 -4.76
CA PRO A 109 12.04 10.13 -5.09
C PRO A 109 13.07 9.03 -5.43
N PRO A 110 12.97 7.88 -4.76
CA PRO A 110 13.88 6.76 -5.01
C PRO A 110 13.60 6.19 -6.44
N PRO A 111 14.49 5.30 -6.95
CA PRO A 111 14.35 4.71 -8.29
C PRO A 111 13.00 4.14 -8.73
N SER A 112 12.42 3.22 -7.97
CA SER A 112 11.12 2.67 -8.37
C SER A 112 10.03 3.77 -8.42
N LEU A 113 9.97 4.64 -7.41
CA LEU A 113 8.96 5.71 -7.34
C LEU A 113 9.14 6.66 -8.50
N ARG A 114 10.41 6.94 -8.81
CA ARG A 114 10.72 7.79 -9.92
C ARG A 114 10.06 7.21 -11.23
N ASN A 115 10.13 5.91 -11.44
CA ASN A 115 9.55 5.25 -12.62
C ASN A 115 8.02 5.30 -12.61
N VAL A 116 7.44 5.20 -11.43
CA VAL A 116 5.98 5.27 -11.26
C VAL A 116 5.49 6.67 -11.66
N LEU A 117 6.20 7.69 -11.18
CA LEU A 117 5.83 9.07 -11.50
C LEU A 117 6.01 9.33 -13.01
N ALA A 118 6.96 8.65 -13.63
CA ALA A 118 7.21 8.78 -15.06
C ALA A 118 6.05 8.20 -15.87
N ALA A 119 5.62 6.99 -15.50
CA ALA A 119 4.53 6.32 -16.18
C ALA A 119 3.22 7.14 -16.06
N VAL A 120 2.99 7.78 -14.91
CA VAL A 120 1.80 8.63 -14.74
C VAL A 120 1.80 9.79 -15.77
N LYS A 121 2.94 10.47 -15.89
CA LYS A 121 3.06 11.59 -16.84
C LYS A 121 2.98 11.13 -18.31
N ASN A 122 3.46 9.93 -18.60
CA ASN A 122 3.38 9.39 -19.95
C ASN A 122 1.89 9.09 -20.25
N CYS A 123 1.15 8.58 -19.26
CA CYS A 123 -0.28 8.28 -19.43
C CYS A 123 -1.12 9.56 -19.47
N TYR A 124 -0.76 10.53 -18.64
CA TYR A 124 -1.52 11.77 -18.53
C TYR A 124 -0.61 12.96 -18.70
N PRO A 125 -0.31 13.30 -19.95
CA PRO A 125 0.56 14.44 -20.29
C PRO A 125 0.12 15.76 -19.66
N GLU A 126 -1.19 15.88 -19.39
CA GLU A 126 -1.75 17.08 -18.75
C GLU A 126 -1.70 17.08 -17.20
N ALA A 127 -1.26 15.98 -16.57
CA ALA A 127 -1.20 15.87 -15.10
C ALA A 127 -0.33 16.97 -14.48
N ARG A 128 -0.81 17.56 -13.40
CA ARG A 128 -0.06 18.60 -12.72
C ARG A 128 0.95 17.94 -11.77
N MET A 129 2.14 17.63 -12.26
CA MET A 129 3.17 16.97 -11.44
C MET A 129 3.95 17.97 -10.58
N SER A 130 3.98 17.75 -9.27
CA SER A 130 4.68 18.67 -8.38
C SER A 130 6.17 18.43 -8.33
N GLY A 131 6.59 17.23 -8.70
CA GLY A 131 8.00 16.94 -8.63
C GLY A 131 8.36 16.20 -7.35
N HIS A 132 7.49 16.21 -6.34
CA HIS A 132 7.77 15.48 -5.08
C HIS A 132 7.23 14.07 -5.19
N GLY A 133 7.60 13.24 -4.21
CA GLY A 133 7.15 11.85 -4.18
C GLY A 133 6.22 11.50 -3.04
N CYS A 134 5.57 12.49 -2.44
CA CYS A 134 4.64 12.25 -1.35
C CYS A 134 3.28 11.95 -1.98
N LEU A 135 2.75 10.76 -1.70
CA LEU A 135 1.48 10.31 -2.30
C LEU A 135 0.22 10.45 -1.41
N GLU A 136 0.24 11.36 -0.44
CA GLU A 136 -0.91 11.55 0.43
C GLU A 136 -2.15 11.97 -0.34
N LYS A 137 -1.97 12.76 -1.42
CA LYS A 137 -3.09 13.20 -2.27
C LYS A 137 -3.82 11.99 -2.85
N TRP A 138 -3.06 11.02 -3.36
CA TRP A 138 -3.60 9.77 -3.91
C TRP A 138 -4.34 8.99 -2.84
N ALA A 139 -3.73 8.90 -1.66
CA ALA A 139 -4.33 8.17 -0.54
C ALA A 139 -5.70 8.75 -0.16
N ARG A 140 -5.78 10.06 -0.06
CA ARG A 140 -7.05 10.69 0.30
C ARG A 140 -8.08 10.48 -0.80
N ASP A 141 -7.60 10.24 -2.00
CA ASP A 141 -8.42 9.98 -3.16
C ASP A 141 -8.87 8.53 -3.29
N GLY A 142 -8.56 7.68 -2.32
CA GLY A 142 -8.99 6.29 -2.40
C GLY A 142 -8.02 5.34 -3.09
N VAL A 143 -6.77 5.78 -3.24
CA VAL A 143 -5.72 4.89 -3.81
C VAL A 143 -4.99 4.31 -2.56
N LEU A 144 -5.27 3.04 -2.27
CA LEU A 144 -4.72 2.36 -1.11
C LEU A 144 -3.34 1.80 -1.45
N LEU A 145 -2.31 2.40 -0.83
CA LEU A 145 -0.88 2.06 -1.05
C LEU A 145 -0.46 1.13 0.06
N LEU A 146 -0.60 -0.17 -0.21
CA LEU A 146 -0.40 -1.16 0.83
C LEU A 146 0.76 -2.16 0.70
N ASN A 147 1.73 -2.06 1.61
CA ASN A 147 2.83 -3.02 1.60
C ASN A 147 2.29 -4.28 2.34
N THR A 148 2.71 -5.48 1.92
CA THR A 148 2.30 -6.68 2.64
C THR A 148 3.12 -6.87 3.94
N THR A 149 4.31 -6.25 4.03
CA THR A 149 5.12 -6.31 5.26
C THR A 149 5.13 -4.83 5.70
N LEU A 150 4.71 -4.56 6.93
CA LEU A 150 4.59 -3.17 7.37
C LEU A 150 5.75 -2.51 8.09
N THR A 151 6.78 -3.27 8.42
CA THR A 151 7.93 -2.73 9.14
C THR A 151 9.21 -3.35 8.57
N VAL A 152 10.35 -2.78 8.94
CA VAL A 152 11.63 -3.29 8.46
C VAL A 152 12.70 -2.81 9.47
N LYS A 153 13.76 -3.61 9.63
CA LYS A 153 14.85 -3.21 10.48
C LYS A 153 15.68 -2.19 9.66
N ARG A 154 16.06 -1.07 10.26
CA ARG A 154 16.90 -0.05 9.58
C ARG A 154 18.08 -0.68 8.79
N GLY A 155 18.20 -0.35 7.51
CA GLY A 155 19.26 -0.86 6.66
C GLY A 155 19.22 -2.29 6.11
N ALA A 156 18.17 -3.03 6.41
CA ALA A 156 18.11 -4.42 5.99
C ALA A 156 16.82 -4.77 5.28
N ALA A 157 16.85 -4.74 3.96
CA ALA A 157 15.66 -5.05 3.16
C ALA A 157 15.14 -6.46 3.42
N ALA A 158 13.80 -6.58 3.50
CA ALA A 158 13.09 -7.85 3.74
C ALA A 158 13.35 -8.50 5.12
N SER A 159 13.98 -7.77 6.02
CA SER A 159 14.31 -8.33 7.34
C SER A 159 13.11 -8.76 8.17
N HIS A 160 11.97 -8.07 8.01
CA HIS A 160 10.75 -8.45 8.77
C HIS A 160 9.71 -9.20 7.94
N SER A 161 10.10 -9.66 6.76
CA SER A 161 9.17 -10.30 5.83
C SER A 161 8.62 -11.68 6.26
N ARG A 162 9.20 -12.29 7.29
CA ARG A 162 8.69 -13.58 7.72
C ARG A 162 8.09 -13.54 9.14
N ILE A 163 7.86 -12.34 9.70
CA ILE A 163 7.29 -12.24 11.05
C ILE A 163 5.77 -12.37 11.10
N GLY A 164 5.13 -12.39 9.92
CA GLY A 164 3.67 -12.55 9.88
C GLY A 164 2.76 -11.39 9.45
N TRP A 165 3.33 -10.27 9.03
CA TRP A 165 2.49 -9.16 8.61
C TRP A 165 1.70 -9.55 7.37
N ASP A 166 2.30 -10.32 6.46
CA ASP A 166 1.62 -10.69 5.24
C ASP A 166 0.29 -11.37 5.43
N ARG A 167 0.14 -12.27 6.41
CA ARG A 167 -1.15 -12.91 6.59
C ARG A 167 -2.21 -11.95 7.20
N PHE A 168 -1.78 -11.04 8.07
CA PHE A 168 -2.68 -10.06 8.67
C PHE A 168 -3.18 -9.09 7.59
N VAL A 169 -2.25 -8.53 6.82
CA VAL A 169 -2.60 -7.61 5.72
C VAL A 169 -3.47 -8.33 4.68
N GLY A 170 -3.09 -9.57 4.39
CA GLY A 170 -3.83 -10.43 3.48
C GLY A 170 -5.28 -10.62 3.92
N GLY A 171 -5.50 -10.69 5.24
CA GLY A 171 -6.84 -10.85 5.80
C GLY A 171 -7.67 -9.59 5.63
N VAL A 172 -7.05 -8.42 5.82
CA VAL A 172 -7.72 -7.13 5.67
C VAL A 172 -8.14 -6.93 4.20
N ILE A 173 -7.25 -7.27 3.28
CA ILE A 173 -7.54 -7.13 1.86
C ILE A 173 -8.67 -8.03 1.40
N ARG A 174 -8.72 -9.28 1.87
CA ARG A 174 -9.80 -10.19 1.49
C ARG A 174 -11.16 -9.61 1.90
N ARG A 175 -11.17 -9.07 3.12
CA ARG A 175 -12.35 -8.45 3.70
C ARG A 175 -12.78 -7.22 2.90
N LEU A 176 -11.84 -6.37 2.56
CA LEU A 176 -12.13 -5.17 1.80
C LEU A 176 -12.70 -5.52 0.42
N ALA A 177 -12.05 -6.45 -0.26
CA ALA A 177 -12.47 -6.85 -1.60
C ALA A 177 -13.87 -7.45 -1.58
N ALA A 178 -14.16 -8.24 -0.55
CA ALA A 178 -15.47 -8.88 -0.45
C ALA A 178 -16.53 -7.83 -0.11
N ARG A 179 -16.12 -6.78 0.57
CA ARG A 179 -16.99 -5.68 0.96
C ARG A 179 -17.35 -4.87 -0.30
N ARG A 180 -16.37 -4.67 -1.16
CA ARG A 180 -16.61 -3.86 -2.35
C ARG A 180 -16.14 -4.38 -3.70
N PRO A 181 -17.04 -5.01 -4.45
CA PRO A 181 -16.76 -5.55 -5.78
C PRO A 181 -16.40 -4.45 -6.76
N GLY A 182 -15.62 -4.79 -7.76
CA GLY A 182 -15.26 -3.82 -8.76
C GLY A 182 -14.11 -2.94 -8.37
N LEU A 183 -13.21 -3.42 -7.52
CA LEU A 183 -12.00 -2.64 -7.19
C LEU A 183 -10.99 -2.87 -8.30
N VAL A 184 -10.01 -1.98 -8.41
CA VAL A 184 -8.95 -2.15 -9.38
C VAL A 184 -7.72 -2.55 -8.56
N PHE A 185 -7.04 -3.60 -8.96
CA PHE A 185 -5.82 -4.03 -8.28
C PHE A 185 -4.66 -3.83 -9.27
N MET A 186 -3.58 -3.18 -8.84
CA MET A 186 -2.38 -2.99 -9.68
C MET A 186 -1.27 -3.82 -8.98
N LEU A 187 -0.90 -4.92 -9.64
CA LEU A 187 0.04 -5.89 -9.11
C LEU A 187 1.33 -5.88 -9.96
N TRP A 188 2.34 -5.19 -9.42
CA TRP A 188 3.60 -4.96 -10.13
C TRP A 188 4.71 -5.84 -9.60
N GLY A 189 5.15 -6.80 -10.41
CA GLY A 189 6.25 -7.66 -9.98
C GLY A 189 5.84 -9.00 -9.45
N THR A 190 6.80 -9.93 -9.40
CA THR A 190 6.56 -11.30 -8.96
C THR A 190 5.96 -11.44 -7.56
N HIS A 191 6.51 -10.72 -6.59
CA HIS A 191 5.99 -10.80 -5.21
C HIS A 191 4.48 -10.42 -5.13
N ALA A 192 4.13 -9.25 -5.66
CA ALA A 192 2.75 -8.74 -5.62
C ALA A 192 1.77 -9.71 -6.28
N GLN A 193 2.18 -10.25 -7.43
CA GLN A 193 1.31 -11.20 -8.15
C GLN A 193 1.18 -12.55 -7.43
N ASN A 194 2.14 -12.90 -6.59
CA ASN A 194 2.00 -14.16 -5.89
C ASN A 194 1.33 -13.98 -4.57
N ALA A 195 1.40 -12.78 -4.02
CA ALA A 195 0.82 -12.51 -2.73
C ALA A 195 -0.69 -12.32 -2.70
N ILE A 196 -1.20 -11.64 -3.72
CA ILE A 196 -2.59 -11.25 -3.84
C ILE A 196 -3.18 -11.81 -5.16
N ARG A 197 -4.24 -12.61 -5.05
CA ARG A 197 -4.86 -13.18 -6.23
C ARG A 197 -6.36 -12.94 -6.21
N PRO A 198 -6.81 -11.70 -6.50
CA PRO A 198 -8.24 -11.34 -6.50
C PRO A 198 -9.00 -12.00 -7.68
N ASP A 199 -10.31 -12.15 -7.53
CA ASP A 199 -11.14 -12.76 -8.60
C ASP A 199 -11.14 -11.75 -9.78
N PRO A 200 -10.56 -12.13 -10.93
CA PRO A 200 -10.53 -11.22 -12.07
C PRO A 200 -11.86 -11.05 -12.77
N ARG A 201 -12.90 -11.80 -12.35
CA ARG A 201 -14.23 -11.65 -12.94
C ARG A 201 -15.00 -10.65 -12.12
N VAL A 202 -14.58 -10.45 -10.88
CA VAL A 202 -15.26 -9.54 -9.98
C VAL A 202 -14.53 -8.21 -9.84
N HIS A 203 -13.19 -8.27 -9.94
CA HIS A 203 -12.37 -7.07 -9.83
C HIS A 203 -11.51 -6.94 -11.08
N CYS A 204 -11.05 -5.72 -11.31
CA CYS A 204 -10.14 -5.42 -12.43
C CYS A 204 -8.71 -5.69 -11.90
N VAL A 205 -8.09 -6.75 -12.41
CA VAL A 205 -6.75 -7.11 -11.97
C VAL A 205 -5.77 -6.78 -13.08
N LEU A 206 -4.90 -5.82 -12.79
CA LEU A 206 -3.89 -5.31 -13.72
C LEU A 206 -2.50 -5.78 -13.27
N LYS A 207 -1.75 -6.44 -14.14
CA LYS A 207 -0.44 -6.98 -13.80
C LYS A 207 0.64 -6.37 -14.66
N PHE A 208 1.78 -6.08 -14.03
CA PHE A 208 2.94 -5.57 -14.75
C PHE A 208 4.21 -6.07 -14.03
N SER A 209 5.36 -5.90 -14.66
CA SER A 209 6.64 -6.25 -14.05
C SER A 209 6.91 -5.15 -13.00
N HIS A 210 7.90 -5.39 -12.13
CA HIS A 210 8.22 -4.47 -11.04
C HIS A 210 8.66 -3.07 -11.57
N PRO A 211 8.29 -1.96 -10.87
CA PRO A 211 8.66 -0.61 -11.30
C PRO A 211 10.14 -0.21 -11.27
N SER A 212 11.00 -1.00 -10.63
CA SER A 212 12.40 -0.70 -10.53
C SER A 212 13.02 -0.65 -11.92
N PRO A 213 14.02 0.21 -12.14
CA PRO A 213 14.63 0.24 -13.49
C PRO A 213 15.40 -1.06 -13.83
N LEU A 214 15.63 -1.90 -12.81
CA LEU A 214 16.31 -3.19 -13.00
C LEU A 214 15.41 -4.23 -13.72
N SER A 215 14.12 -3.93 -13.82
CA SER A 215 13.21 -4.83 -14.52
C SER A 215 13.53 -4.80 -15.98
N LYS A 216 13.25 -5.92 -16.63
CA LYS A 216 13.49 -6.08 -18.04
C LYS A 216 12.66 -5.14 -18.95
N VAL A 217 11.43 -4.84 -18.56
CA VAL A 217 10.58 -3.95 -19.32
C VAL A 217 10.57 -2.63 -18.59
N PRO A 218 10.78 -1.52 -19.30
CA PRO A 218 10.80 -0.18 -18.69
C PRO A 218 9.42 0.13 -18.11
N PHE A 219 9.37 0.43 -16.81
CA PHE A 219 8.07 0.71 -16.22
C PHE A 219 7.37 1.94 -16.82
N GLY A 220 8.13 2.90 -17.36
CA GLY A 220 7.52 4.09 -17.95
C GLY A 220 6.52 3.78 -19.06
N THR A 221 6.54 2.55 -19.56
CA THR A 221 5.61 2.15 -20.58
C THR A 221 4.31 1.55 -20.01
N CYS A 222 4.24 1.40 -18.68
CA CYS A 222 3.04 0.84 -18.06
C CYS A 222 1.81 1.76 -18.32
N GLN A 223 0.69 1.17 -18.74
CA GLN A 223 -0.55 1.92 -19.05
C GLN A 223 -1.62 1.80 -17.99
N HIS A 224 -1.29 1.14 -16.88
CA HIS A 224 -2.25 0.89 -15.82
C HIS A 224 -3.14 2.02 -15.36
N PHE A 225 -2.59 3.25 -15.25
CA PHE A 225 -3.32 4.43 -14.79
C PHE A 225 -4.50 4.80 -15.72
N LEU A 226 -4.28 4.65 -17.03
CA LEU A 226 -5.28 4.89 -18.06
C LEU A 226 -6.34 3.78 -18.03
N VAL A 227 -5.87 2.54 -18.03
CA VAL A 227 -6.74 1.37 -18.07
C VAL A 227 -7.63 1.31 -16.83
N ALA A 228 -7.09 1.67 -15.68
CA ALA A 228 -7.84 1.70 -14.42
C ALA A 228 -9.02 2.70 -14.56
N ASN A 229 -8.74 3.90 -15.08
CA ASN A 229 -9.75 4.95 -15.26
C ASN A 229 -10.86 4.59 -16.27
N ARG A 230 -10.49 3.82 -17.30
CA ARG A 230 -11.48 3.35 -18.27
C ARG A 230 -12.41 2.32 -17.59
N TYR A 231 -11.84 1.43 -16.79
CA TYR A 231 -12.63 0.46 -16.05
C TYR A 231 -13.61 1.18 -15.09
N LEU A 232 -13.10 2.12 -14.30
CA LEU A 232 -13.93 2.85 -13.36
C LEU A 232 -15.07 3.52 -14.12
N GLU A 233 -14.76 4.19 -15.22
CA GLU A 233 -15.84 4.81 -15.96
C GLU A 233 -16.94 3.88 -16.37
N THR A 234 -16.59 2.66 -16.76
CA THR A 234 -17.60 1.68 -17.16
C THR A 234 -18.47 1.27 -15.99
N ARG A 235 -17.99 1.45 -14.77
CA ARG A 235 -18.76 1.06 -13.60
C ARG A 235 -19.45 2.29 -13.04
N SER A 236 -19.38 3.41 -13.76
CA SER A 236 -19.94 4.67 -13.31
C SER A 236 -19.23 5.19 -12.04
N ILE A 237 -17.97 4.79 -11.84
CA ILE A 237 -17.18 5.24 -10.68
C ILE A 237 -16.33 6.39 -11.21
N SER A 238 -16.28 7.45 -10.42
CA SER A 238 -15.54 8.64 -10.76
C SER A 238 -14.06 8.26 -10.98
N PRO A 239 -13.45 8.69 -12.11
CA PRO A 239 -12.05 8.38 -12.42
C PRO A 239 -11.10 9.22 -11.55
N ILE A 240 -9.86 8.73 -11.43
CA ILE A 240 -8.83 9.37 -10.62
C ILE A 240 -7.95 10.36 -11.34
N ASP A 241 -7.72 11.50 -10.70
CA ASP A 241 -6.82 12.55 -11.17
C ASP A 241 -5.47 12.12 -10.60
N TRP A 242 -4.63 11.50 -11.42
CA TRP A 242 -3.32 11.01 -10.98
C TRP A 242 -2.21 12.04 -10.72
N SER A 243 -2.51 13.33 -10.92
CA SER A 243 -1.55 14.42 -10.66
C SER A 243 -1.07 14.31 -9.19
N VAL A 244 0.23 14.48 -8.98
CA VAL A 244 0.78 14.42 -7.62
C VAL A 244 2.15 15.14 -7.62
#